data_8XYN
#
_entry.id   8XYN
#
_cell.length_a   82.638
_cell.length_b   73.333
_cell.length_c   94.338
_cell.angle_alpha   90.00
_cell.angle_beta   112.52
_cell.angle_gamma   90.00
#
_symmetry.space_group_name_H-M   'I 1 2 1'
#
loop_
_entity.id
_entity.type
_entity.pdbx_description
1 polymer 'retro-aldolase RA95.5-8'
2 non-polymer '4-[dodecyl(dimethyl)-$l^{4}-azanyl]butanoic acid'
3 water water
#
_entity_poly.entity_id   1
_entity_poly.type   'polypeptide(L)'
_entity_poly.pdbx_seq_one_letter_code
;MPRYLKGWLEDVVQLSLRRPSVHASRQRPIISLNERILEFNKRNITAIIAYYTRKSPSGLDVERDPIEYAKYMERYAVGL
SIKTEEKYFNGSYEMLRKIASSVSIPILMNDFIVKESQIDDAYNLGADTVLLIVNILTERELESLLEYARSYGMEPLILI
NDENDLDIALRIGARFIVIFSMNFETGEINKENQRKLISMIPSNVVKVAKLDISERNEIEELRKLGVNAFLISSSLMRNP
EKIKELIEGSHHHHHH
;
_entity_poly.pdbx_strand_id   A,B
#
loop_
_chem_comp.id
_chem_comp.type
_chem_comp.name
_chem_comp.formula
A1LXX non-polymer '4-[dodecyl(dimethyl)-$l^{4}-azanyl]butanoic acid' 'C18 H38 N O2 1'
#
# COMPACT_ATOMS: atom_id res chain seq x y z
N PRO A 2 -2.39 -13.80 -25.60
CA PRO A 2 -1.47 -12.75 -25.15
C PRO A 2 -1.80 -11.42 -25.82
N ARG A 3 -1.23 -10.35 -25.29
CA ARG A 3 -1.34 -9.08 -26.00
C ARG A 3 -0.58 -9.18 -27.32
N TYR A 4 -0.93 -8.27 -28.23
CA TYR A 4 -0.11 -8.08 -29.40
C TYR A 4 1.17 -7.35 -29.00
N LEU A 5 2.30 -7.83 -29.50
CA LEU A 5 3.61 -7.33 -29.14
C LEU A 5 4.48 -7.25 -30.38
N LYS A 6 5.70 -6.72 -30.21
CA LYS A 6 6.61 -6.51 -31.32
C LYS A 6 8.01 -6.90 -30.89
N GLY A 7 8.88 -7.13 -31.88
CA GLY A 7 10.28 -7.45 -31.61
C GLY A 7 10.47 -8.85 -31.04
N TRP A 8 11.57 -9.01 -30.30
CA TRP A 8 11.90 -10.30 -29.71
C TRP A 8 10.83 -10.75 -28.71
N LEU A 9 10.14 -9.81 -28.08
CA LEU A 9 9.13 -10.15 -27.07
C LEU A 9 7.95 -10.87 -27.72
N GLU A 10 7.53 -10.42 -28.90
CA GLU A 10 6.56 -11.18 -29.69
C GLU A 10 7.07 -12.59 -29.98
N ASP A 11 8.33 -12.69 -30.41
CA ASP A 11 8.87 -13.99 -30.78
C ASP A 11 8.85 -14.96 -29.60
N VAL A 12 9.38 -14.54 -28.45
CA VAL A 12 9.43 -15.45 -27.31
C VAL A 12 8.02 -15.79 -26.83
N VAL A 13 7.06 -14.88 -27.00
CA VAL A 13 5.68 -15.19 -26.61
C VAL A 13 5.05 -16.20 -27.59
N GLN A 14 5.35 -16.09 -28.89
CA GLN A 14 4.84 -17.10 -29.83
C GLN A 14 5.53 -18.45 -29.61
N LEU A 15 6.82 -18.43 -29.32
CA LEU A 15 7.52 -19.66 -28.96
C LEU A 15 6.92 -20.30 -27.72
N SER A 16 6.56 -19.49 -26.70
CA SER A 16 6.03 -20.03 -25.45
C SER A 16 4.62 -20.60 -25.62
N LEU A 17 3.80 -19.98 -26.47
CA LEU A 17 2.49 -20.55 -26.81
C LEU A 17 2.62 -21.96 -27.38
N ARG A 18 3.77 -22.30 -27.97
CA ARG A 18 4.03 -23.59 -28.59
C ARG A 18 4.95 -24.46 -27.75
N ARG A 19 5.19 -24.11 -26.50
CA ARG A 19 6.11 -24.87 -25.64
C ARG A 19 5.53 -26.24 -25.30
N PRO A 20 6.18 -27.33 -25.68
CA PRO A 20 5.68 -28.67 -25.30
C PRO A 20 5.60 -28.84 -23.80
N SER A 21 4.50 -29.44 -23.35
CA SER A 21 4.37 -29.74 -21.93
C SER A 21 5.19 -30.98 -21.58
N VAL A 22 5.31 -31.25 -20.27
CA VAL A 22 6.13 -32.34 -19.76
C VAL A 22 5.26 -33.23 -18.87
N HIS A 23 5.79 -34.40 -18.49
CA HIS A 23 4.99 -35.36 -17.76
C HIS A 23 5.59 -35.81 -16.42
N ALA A 24 6.59 -35.08 -15.92
CA ALA A 24 7.31 -35.43 -14.72
C ALA A 24 6.41 -35.48 -13.49
N SER A 25 6.96 -36.04 -12.41
CA SER A 25 6.27 -36.22 -11.14
C SER A 25 7.03 -35.47 -10.05
N ARG A 26 6.35 -34.54 -9.40
CA ARG A 26 6.94 -33.76 -8.34
C ARG A 26 7.42 -34.66 -7.20
N GLN A 27 8.63 -34.40 -6.68
CA GLN A 27 9.21 -35.24 -5.64
C GLN A 27 9.16 -34.65 -4.22
N ARG A 28 8.56 -33.47 -4.03
CA ARG A 28 8.38 -32.91 -2.68
C ARG A 28 7.27 -31.87 -2.74
N PRO A 29 6.65 -31.54 -1.60
CA PRO A 29 5.54 -30.58 -1.63
C PRO A 29 6.01 -29.14 -1.86
N ILE A 30 5.04 -28.26 -2.08
CA ILE A 30 5.30 -26.85 -2.28
C ILE A 30 5.87 -26.24 -1.00
N ILE A 31 6.96 -25.49 -1.13
CA ILE A 31 7.48 -24.60 -0.09
C ILE A 31 7.20 -23.17 -0.54
N SER A 32 6.28 -22.49 0.13
CA SER A 32 5.84 -21.16 -0.29
C SER A 32 6.96 -20.13 -0.21
N LEU A 33 7.28 -19.53 -1.36
CA LEU A 33 8.28 -18.47 -1.40
C LEU A 33 7.82 -17.23 -0.65
N ASN A 34 6.60 -16.75 -0.92
CA ASN A 34 6.20 -15.48 -0.31
C ASN A 34 6.02 -15.62 1.19
N GLU A 35 5.58 -16.77 1.69
CA GLU A 35 5.54 -16.91 3.13
C GLU A 35 6.95 -16.98 3.72
N ARG A 36 7.86 -17.73 3.08
CA ARG A 36 9.23 -17.75 3.60
C ARG A 36 9.83 -16.35 3.64
N ILE A 37 9.53 -15.54 2.62
CA ILE A 37 9.97 -14.13 2.64
C ILE A 37 9.47 -13.43 3.89
N LEU A 38 8.19 -13.63 4.23
CA LEU A 38 7.64 -13.01 5.43
C LEU A 38 8.26 -13.60 6.69
N GLU A 39 8.59 -14.89 6.71
CA GLU A 39 9.32 -15.44 7.85
C GLU A 39 10.66 -14.73 8.02
N PHE A 40 11.38 -14.52 6.92
CA PHE A 40 12.67 -13.82 7.01
C PHE A 40 12.48 -12.39 7.47
N ASN A 41 11.43 -11.71 6.99
CA ASN A 41 11.13 -10.36 7.47
C ASN A 41 10.95 -10.35 8.99
N LYS A 42 10.20 -11.32 9.51
CA LYS A 42 9.92 -11.33 10.94
C LYS A 42 11.21 -11.53 11.73
N ARG A 43 12.16 -12.28 11.19
CA ARG A 43 13.40 -12.58 11.87
C ARG A 43 14.52 -11.57 11.57
N ASN A 44 14.22 -10.51 10.83
CA ASN A 44 15.21 -9.50 10.48
C ASN A 44 16.40 -10.10 9.72
N ILE A 45 16.11 -11.06 8.85
CA ILE A 45 17.10 -11.65 7.96
C ILE A 45 16.79 -11.20 6.55
N THR A 46 17.73 -10.51 5.93
CA THR A 46 17.52 -9.95 4.60
C THR A 46 17.21 -11.04 3.58
N ALA A 47 16.04 -10.94 2.95
CA ALA A 47 15.54 -11.99 2.05
C ALA A 47 15.96 -11.66 0.63
N ILE A 48 16.72 -12.55 0.02
CA ILE A 48 17.27 -12.35 -1.30
C ILE A 48 16.99 -13.58 -2.14
N ILE A 49 16.38 -13.39 -3.30
CA ILE A 49 16.13 -14.46 -4.25
C ILE A 49 17.31 -14.47 -5.23
N ALA A 50 18.11 -15.54 -5.19
CA ALA A 50 19.27 -15.67 -6.06
C ALA A 50 18.84 -15.91 -7.50
N TYR A 51 19.12 -14.94 -8.37
CA TYR A 51 18.68 -14.92 -9.76
C TYR A 51 19.75 -15.58 -10.62
N TYR A 52 19.78 -16.91 -10.59
CA TYR A 52 20.88 -17.61 -11.24
C TYR A 52 20.84 -17.40 -12.75
N THR A 53 22.02 -17.22 -13.34
CA THR A 53 22.12 -16.62 -14.65
C THR A 53 23.36 -17.15 -15.38
N ASP A 65 28.30 -24.42 -13.77
CA ASP A 65 27.57 -25.50 -13.10
C ASP A 65 26.51 -24.92 -12.17
N PRO A 66 25.24 -25.26 -12.43
CA PRO A 66 24.14 -24.62 -11.70
C PRO A 66 23.76 -25.37 -10.44
N ILE A 67 24.02 -26.68 -10.39
CA ILE A 67 23.68 -27.45 -9.19
C ILE A 67 24.62 -27.09 -8.05
N GLU A 68 25.89 -26.81 -8.36
CA GLU A 68 26.82 -26.37 -7.33
C GLU A 68 26.44 -24.98 -6.81
N TYR A 69 26.05 -24.08 -7.71
CA TYR A 69 25.58 -22.77 -7.29
C TYR A 69 24.36 -22.90 -6.37
N ALA A 70 23.41 -23.75 -6.73
CA ALA A 70 22.19 -23.91 -5.96
C ALA A 70 22.47 -24.52 -4.59
N LYS A 71 23.27 -25.59 -4.55
CA LYS A 71 23.64 -26.18 -3.28
C LYS A 71 24.30 -25.16 -2.38
N TYR A 72 25.11 -24.26 -2.96
CA TYR A 72 25.80 -23.27 -2.15
C TYR A 72 24.85 -22.20 -1.63
N MET A 73 24.01 -21.63 -2.51
CA MET A 73 23.10 -20.56 -2.09
C MET A 73 21.94 -21.03 -1.24
N GLU A 74 21.67 -22.35 -1.19
CA GLU A 74 20.55 -22.85 -0.40
C GLU A 74 20.66 -22.40 1.05
N ARG A 75 21.88 -22.30 1.57
CA ARG A 75 22.10 -21.91 2.97
C ARG A 75 21.78 -20.44 3.24
N TYR A 76 21.80 -19.59 2.22
CA TYR A 76 21.69 -18.14 2.43
C TYR A 76 20.49 -17.49 1.75
N ALA A 77 20.15 -17.93 0.54
CA ALA A 77 19.07 -17.32 -0.21
C ALA A 77 17.74 -17.66 0.43
N VAL A 78 16.76 -16.76 0.25
CA VAL A 78 15.40 -17.07 0.67
C VAL A 78 14.73 -17.97 -0.35
N GLY A 79 15.24 -17.97 -1.59
CA GLY A 79 14.71 -18.79 -2.67
C GLY A 79 15.60 -18.61 -3.88
N LEU A 80 15.33 -19.43 -4.89
CA LEU A 80 16.12 -19.44 -6.11
C LEU A 80 15.22 -19.19 -7.31
N SER A 81 15.71 -18.41 -8.28
CA SER A 81 15.02 -18.21 -9.55
C SER A 81 15.79 -18.91 -10.66
N ILE A 82 15.11 -19.79 -11.38
CA ILE A 82 15.71 -20.58 -12.46
C ILE A 82 15.04 -20.19 -13.76
N LYS A 83 15.85 -19.84 -14.76
CA LYS A 83 15.30 -19.53 -16.08
C LYS A 83 15.02 -20.81 -16.83
N THR A 84 13.81 -20.92 -17.37
CA THR A 84 13.47 -22.05 -18.21
C THR A 84 13.19 -21.67 -19.66
N GLU A 85 13.18 -20.37 -19.98
CA GLU A 85 13.09 -19.93 -21.36
C GLU A 85 14.33 -20.38 -22.11
N GLU A 86 14.13 -20.96 -23.29
CA GLU A 86 15.17 -21.75 -23.95
C GLU A 86 15.99 -20.96 -24.95
N LYS A 87 15.36 -20.08 -25.73
CA LYS A 87 16.00 -19.51 -26.91
C LYS A 87 16.87 -18.30 -26.57
N TYR A 88 16.38 -17.42 -25.70
CA TYR A 88 17.10 -16.20 -25.38
C TYR A 88 17.80 -16.24 -24.04
N PHE A 89 17.38 -17.11 -23.12
CA PHE A 89 17.92 -17.11 -21.77
C PHE A 89 18.62 -18.41 -21.43
N ASN A 90 18.82 -19.31 -22.41
CA ASN A 90 19.60 -20.52 -22.25
C ASN A 90 19.08 -21.41 -21.12
N GLY A 91 17.79 -21.30 -20.80
CA GLY A 91 17.22 -22.13 -19.76
C GLY A 91 16.65 -23.43 -20.29
N SER A 92 16.34 -24.34 -19.37
CA SER A 92 15.74 -25.61 -19.74
C SER A 92 14.87 -26.13 -18.61
N TYR A 93 13.83 -26.87 -19.00
CA TYR A 93 12.99 -27.57 -18.03
C TYR A 93 13.80 -28.59 -17.24
N GLU A 94 14.76 -29.28 -17.89
CA GLU A 94 15.53 -30.31 -17.20
C GLU A 94 16.46 -29.73 -16.14
N MET A 95 17.04 -28.54 -16.38
CA MET A 95 17.85 -27.92 -15.35
C MET A 95 17.01 -27.54 -14.14
N LEU A 96 15.74 -27.16 -14.37
CA LEU A 96 14.87 -26.80 -13.25
C LEU A 96 14.52 -28.02 -12.41
N ARG A 97 14.22 -29.16 -13.04
CA ARG A 97 13.93 -30.39 -12.30
C ARG A 97 15.12 -30.83 -11.44
N LYS A 98 16.33 -30.80 -12.00
CA LYS A 98 17.49 -31.32 -11.25
C LYS A 98 17.80 -30.41 -10.06
N ILE A 99 17.72 -29.10 -10.23
CA ILE A 99 17.90 -28.19 -9.09
C ILE A 99 16.79 -28.40 -8.06
N ALA A 100 15.53 -28.39 -8.52
CA ALA A 100 14.41 -28.47 -7.58
C ALA A 100 14.40 -29.80 -6.83
N SER A 101 14.85 -30.87 -7.47
CA SER A 101 14.96 -32.13 -6.74
C SER A 101 16.15 -32.16 -5.80
N SER A 102 16.96 -31.09 -5.73
CA SER A 102 18.19 -31.13 -4.97
C SER A 102 18.35 -30.06 -3.88
N VAL A 103 17.48 -29.05 -3.80
CA VAL A 103 17.53 -28.10 -2.71
C VAL A 103 16.15 -28.04 -2.06
N SER A 104 16.14 -27.55 -0.81
CA SER A 104 14.94 -27.53 0.01
C SER A 104 14.43 -26.11 0.29
N ILE A 105 14.81 -25.13 -0.52
CA ILE A 105 14.31 -23.76 -0.39
C ILE A 105 13.43 -23.48 -1.61
N PRO A 106 12.49 -22.55 -1.53
CA PRO A 106 11.54 -22.38 -2.63
C PRO A 106 12.23 -22.02 -3.93
N ILE A 107 11.68 -22.53 -5.03
CA ILE A 107 12.19 -22.32 -6.38
C ILE A 107 11.17 -21.51 -7.17
N LEU A 108 11.65 -20.46 -7.84
CA LEU A 108 10.85 -19.65 -8.73
C LEU A 108 11.22 -19.98 -10.17
N MET A 109 10.25 -20.51 -10.93
CA MET A 109 10.47 -20.73 -12.36
C MET A 109 10.20 -19.43 -13.10
N ASN A 110 11.23 -18.93 -13.77
CA ASN A 110 11.16 -17.64 -14.47
C ASN A 110 11.12 -17.97 -15.96
N ASP A 111 9.99 -17.66 -16.58
CA ASP A 111 9.73 -17.95 -17.99
C ASP A 111 8.70 -16.94 -18.47
N PHE A 112 8.18 -17.16 -19.68
CA PHE A 112 7.17 -16.31 -20.27
C PHE A 112 5.87 -17.12 -20.33
N ILE A 113 5.09 -17.01 -19.27
CA ILE A 113 3.96 -17.91 -19.08
C ILE A 113 2.72 -17.28 -19.71
N VAL A 114 2.23 -17.93 -20.77
CA VAL A 114 1.06 -17.47 -21.51
C VAL A 114 -0.04 -18.52 -21.57
N LYS A 115 0.18 -19.74 -21.06
CA LYS A 115 -0.83 -20.78 -21.07
C LYS A 115 -0.70 -21.67 -19.84
N GLU A 116 -1.81 -22.34 -19.52
CA GLU A 116 -1.90 -23.11 -18.27
C GLU A 116 -0.94 -24.31 -18.24
N SER A 117 -0.71 -24.97 -19.39
CA SER A 117 0.16 -26.14 -19.40
C SER A 117 1.55 -25.80 -18.89
N GLN A 118 2.03 -24.57 -19.11
CA GLN A 118 3.33 -24.17 -18.55
C GLN A 118 3.30 -24.11 -17.03
N ILE A 119 2.18 -23.72 -16.44
CA ILE A 119 2.07 -23.80 -14.99
C ILE A 119 2.03 -25.26 -14.53
N ASP A 120 1.34 -26.13 -15.30
CA ASP A 120 1.45 -27.56 -15.07
C ASP A 120 2.91 -28.00 -15.09
N ASP A 121 3.66 -27.56 -16.10
CA ASP A 121 5.07 -27.93 -16.20
C ASP A 121 5.84 -27.52 -14.95
N ALA A 122 5.70 -26.26 -14.54
CA ALA A 122 6.37 -25.79 -13.34
C ALA A 122 6.08 -26.69 -12.16
N TYR A 123 4.80 -26.96 -11.91
CA TYR A 123 4.42 -27.80 -10.77
C TYR A 123 5.08 -29.18 -10.88
N ASN A 124 4.99 -29.81 -12.05
CA ASN A 124 5.45 -31.18 -12.21
C ASN A 124 6.97 -31.29 -12.20
N LEU A 125 7.69 -30.22 -12.53
CA LEU A 125 9.14 -30.17 -12.47
C LEU A 125 9.65 -29.80 -11.09
N GLY A 126 8.75 -29.52 -10.16
CA GLY A 126 9.12 -29.29 -8.79
C GLY A 126 9.32 -27.84 -8.40
N ALA A 127 8.92 -26.89 -9.24
CA ALA A 127 9.04 -25.49 -8.84
C ALA A 127 8.00 -25.15 -7.77
N ASP A 128 8.30 -24.14 -6.96
CA ASP A 128 7.38 -23.75 -5.90
C ASP A 128 6.52 -22.55 -6.24
N THR A 129 6.84 -21.79 -7.27
CA THR A 129 5.92 -20.79 -7.81
C THR A 129 6.40 -20.40 -9.20
N VAL A 130 5.69 -19.46 -9.81
CA VAL A 130 5.96 -19.06 -11.19
C VAL A 130 5.90 -17.55 -11.29
N LEU A 131 6.56 -17.02 -12.31
CA LEU A 131 6.46 -15.62 -12.70
C LEU A 131 5.33 -15.44 -13.73
N LEU A 132 4.46 -14.47 -13.49
CA LEU A 132 3.53 -13.98 -14.49
C LEU A 132 3.89 -12.53 -14.78
N ILE A 133 3.73 -12.13 -16.03
CA ILE A 133 4.23 -10.84 -16.51
C ILE A 133 3.02 -10.10 -17.07
N VAL A 134 2.65 -8.98 -16.41
CA VAL A 134 1.42 -8.28 -16.74
C VAL A 134 1.37 -7.86 -18.20
N ASN A 135 2.51 -7.40 -18.75
CA ASN A 135 2.43 -6.67 -20.02
C ASN A 135 2.39 -7.57 -21.26
N ILE A 136 2.58 -8.88 -21.13
CA ILE A 136 2.40 -9.77 -22.26
C ILE A 136 1.03 -10.44 -22.27
N LEU A 137 0.23 -10.25 -21.23
CA LEU A 137 -1.05 -10.95 -21.08
C LEU A 137 -2.20 -9.96 -21.13
N THR A 138 -3.36 -10.44 -21.59
CA THR A 138 -4.58 -9.68 -21.37
C THR A 138 -5.01 -9.78 -19.90
N GLU A 139 -5.88 -8.87 -19.50
CA GLU A 139 -6.34 -8.88 -18.13
C GLU A 139 -7.01 -10.20 -17.77
N ARG A 140 -7.88 -10.72 -18.66
CA ARG A 140 -8.56 -11.98 -18.41
C ARG A 140 -7.57 -13.15 -18.30
N GLU A 141 -6.61 -13.21 -19.21
CA GLU A 141 -5.58 -14.26 -19.14
C GLU A 141 -4.84 -14.19 -17.81
N LEU A 142 -4.44 -12.99 -17.40
CA LEU A 142 -3.65 -12.85 -16.19
C LEU A 142 -4.43 -13.29 -14.96
N GLU A 143 -5.71 -12.88 -14.88
CA GLU A 143 -6.57 -13.35 -13.80
C GLU A 143 -6.77 -14.85 -13.86
N SER A 144 -6.81 -15.41 -15.07
CA SER A 144 -7.01 -16.85 -15.21
C SER A 144 -5.75 -17.63 -14.80
N LEU A 145 -4.58 -17.21 -15.26
CA LEU A 145 -3.34 -17.89 -14.85
C LEU A 145 -3.05 -17.70 -13.37
N LEU A 146 -3.43 -16.56 -12.79
CA LEU A 146 -3.30 -16.35 -11.36
C LEU A 146 -4.00 -17.47 -10.58
N GLU A 147 -5.29 -17.67 -10.85
CA GLU A 147 -6.06 -18.65 -10.10
C GLU A 147 -5.60 -20.07 -10.38
N TYR A 148 -5.22 -20.35 -11.64
CA TYR A 148 -4.74 -21.69 -11.96
C TYR A 148 -3.46 -22.00 -11.20
N ALA A 149 -2.51 -21.06 -11.18
CA ALA A 149 -1.35 -21.21 -10.31
C ALA A 149 -1.76 -21.46 -8.86
N ARG A 150 -2.77 -20.73 -8.38
CA ARG A 150 -3.23 -20.93 -7.01
C ARG A 150 -3.88 -22.30 -6.82
N SER A 151 -4.41 -22.90 -7.90
CA SER A 151 -4.98 -24.25 -7.80
C SER A 151 -3.95 -25.28 -7.37
N TYR A 152 -2.66 -25.02 -7.63
CA TYR A 152 -1.59 -25.89 -7.19
C TYR A 152 -0.95 -25.44 -5.90
N GLY A 153 -1.45 -24.36 -5.27
CA GLY A 153 -0.75 -23.85 -4.12
C GLY A 153 0.40 -22.91 -4.43
N MET A 154 0.44 -22.37 -5.64
CA MET A 154 1.49 -21.44 -6.05
C MET A 154 0.90 -20.03 -6.11
N GLU A 155 1.30 -19.18 -5.16
CA GLU A 155 1.05 -17.77 -5.31
C GLU A 155 2.10 -17.25 -6.27
N PRO A 156 1.74 -16.86 -7.47
CA PRO A 156 2.76 -16.42 -8.43
C PRO A 156 3.30 -15.04 -8.11
N LEU A 157 4.55 -14.83 -8.51
CA LEU A 157 5.17 -13.52 -8.50
C LEU A 157 4.78 -12.77 -9.77
N ILE A 158 4.04 -11.68 -9.64
CA ILE A 158 3.53 -10.92 -10.78
C ILE A 158 4.48 -9.76 -11.05
N LEU A 159 5.00 -9.69 -12.28
CA LEU A 159 5.98 -8.68 -12.65
C LEU A 159 5.24 -7.47 -13.17
N ILE A 160 5.55 -6.30 -12.62
CA ILE A 160 5.01 -5.04 -13.12
C ILE A 160 6.16 -4.19 -13.64
N ASN A 161 5.89 -3.49 -14.74
CA ASN A 161 6.87 -2.68 -15.42
C ASN A 161 6.50 -1.22 -15.48
N ASP A 162 5.25 -0.85 -15.17
CA ASP A 162 4.80 0.53 -15.18
C ASP A 162 3.49 0.64 -14.38
N GLU A 163 2.92 1.85 -14.37
CA GLU A 163 1.77 2.14 -13.54
C GLU A 163 0.52 1.44 -14.03
N ASN A 164 0.36 1.31 -15.36
CA ASN A 164 -0.80 0.59 -15.89
C ASN A 164 -0.74 -0.88 -15.50
N ASP A 165 0.45 -1.50 -15.60
CA ASP A 165 0.67 -2.86 -15.08
C ASP A 165 0.20 -3.00 -13.63
N LEU A 166 0.64 -2.08 -12.76
CA LEU A 166 0.34 -2.18 -11.34
C LEU A 166 -1.15 -2.04 -11.09
N ASP A 167 -1.80 -1.14 -11.84
CA ASP A 167 -3.23 -1.00 -11.74
C ASP A 167 -3.95 -2.32 -12.03
N ILE A 168 -3.55 -3.01 -13.10
CA ILE A 168 -4.19 -4.28 -13.45
C ILE A 168 -3.92 -5.34 -12.38
N ALA A 169 -2.68 -5.43 -11.89
CA ALA A 169 -2.36 -6.44 -10.88
C ALA A 169 -3.15 -6.25 -9.59
N LEU A 170 -3.28 -5.01 -9.11
CA LEU A 170 -4.01 -4.76 -7.86
C LEU A 170 -5.50 -5.02 -8.02
N ARG A 171 -6.02 -4.82 -9.23
CA ARG A 171 -7.45 -5.06 -9.48
C ARG A 171 -7.77 -6.55 -9.46
N ILE A 172 -6.91 -7.39 -10.07
CA ILE A 172 -7.16 -8.83 -10.03
C ILE A 172 -6.82 -9.44 -8.68
N GLY A 173 -6.16 -8.70 -7.80
CA GLY A 173 -5.82 -9.23 -6.49
C GLY A 173 -4.46 -9.89 -6.43
N ALA A 174 -3.47 -9.29 -7.09
CA ALA A 174 -2.09 -9.71 -6.90
C ALA A 174 -1.68 -9.54 -5.44
N ARG A 175 -1.09 -10.57 -4.85
CA ARG A 175 -0.53 -10.48 -3.51
C ARG A 175 1.00 -10.53 -3.48
N PHE A 176 1.65 -10.80 -4.61
CA PHE A 176 3.08 -11.08 -4.66
C PHE A 176 3.61 -10.45 -5.95
N ILE A 177 4.28 -9.31 -5.83
CA ILE A 177 4.62 -8.45 -6.97
C ILE A 177 6.13 -8.26 -7.01
N VAL A 178 6.72 -8.35 -8.21
CA VAL A 178 8.12 -7.97 -8.41
C VAL A 178 8.12 -6.71 -9.28
N ILE A 179 8.87 -5.69 -8.84
CA ILE A 179 8.91 -4.41 -9.51
C ILE A 179 10.16 -4.36 -10.40
N PHE A 180 9.95 -4.22 -11.70
CA PHE A 180 11.10 -4.09 -12.59
C PHE A 180 11.31 -2.64 -12.97
N SER A 181 10.45 -2.12 -13.87
CA SER A 181 10.60 -0.82 -14.53
C SER A 181 11.81 -0.86 -15.45
N MET A 182 11.77 -1.78 -16.41
CA MET A 182 12.92 -2.13 -17.24
C MET A 182 12.57 -1.87 -18.70
N ASN A 183 13.46 -1.18 -19.41
CA ASN A 183 13.41 -1.19 -20.86
C ASN A 183 13.61 -2.61 -21.34
N PHE A 184 12.58 -3.19 -21.94
CA PHE A 184 12.63 -4.59 -22.31
C PHE A 184 13.45 -4.87 -23.55
N GLU A 185 14.03 -3.85 -24.19
CA GLU A 185 15.00 -4.10 -25.24
C GLU A 185 16.43 -4.17 -24.68
N THR A 186 16.80 -3.16 -23.88
CA THR A 186 18.16 -3.01 -23.36
C THR A 186 18.40 -3.77 -22.07
N GLY A 187 17.36 -3.95 -21.25
CA GLY A 187 17.51 -4.51 -19.93
C GLY A 187 17.81 -3.51 -18.84
N GLU A 188 17.85 -2.21 -19.15
CA GLU A 188 18.18 -1.19 -18.16
C GLU A 188 16.94 -0.77 -17.38
N ILE A 189 17.08 -0.66 -16.07
CA ILE A 189 15.98 -0.27 -15.17
C ILE A 189 16.06 1.22 -14.93
N ASN A 190 14.93 1.91 -15.13
CA ASN A 190 14.77 3.28 -14.65
C ASN A 190 14.64 3.22 -13.12
N LYS A 191 15.71 3.63 -12.42
CA LYS A 191 15.79 3.42 -10.97
C LYS A 191 14.79 4.28 -10.20
N GLU A 192 14.58 5.52 -10.62
CA GLU A 192 13.67 6.36 -9.85
C GLU A 192 12.22 6.03 -10.18
N ASN A 193 11.95 5.44 -11.35
CA ASN A 193 10.60 4.96 -11.62
C ASN A 193 10.31 3.65 -10.89
N GLN A 194 11.34 2.84 -10.66
CA GLN A 194 11.16 1.64 -9.88
C GLN A 194 10.74 1.98 -8.45
N ARG A 195 11.31 3.05 -7.89
CA ARG A 195 10.96 3.51 -6.55
C ARG A 195 9.56 4.10 -6.52
N LYS A 196 9.19 4.86 -7.55
CA LYS A 196 7.82 5.35 -7.66
C LYS A 196 6.83 4.19 -7.61
N LEU A 197 7.09 3.14 -8.40
CA LEU A 197 6.15 2.01 -8.45
C LEU A 197 6.08 1.30 -7.11
N ILE A 198 7.24 1.05 -6.49
CA ILE A 198 7.29 0.42 -5.17
C ILE A 198 6.34 1.14 -4.22
N SER A 199 6.40 2.46 -4.17
CA SER A 199 5.58 3.22 -3.22
C SER A 199 4.11 3.28 -3.63
N MET A 200 3.77 2.96 -4.88
CA MET A 200 2.34 2.94 -5.20
C MET A 200 1.66 1.65 -4.73
N ILE A 201 2.41 0.66 -4.25
CA ILE A 201 1.84 -0.64 -3.89
C ILE A 201 1.29 -0.61 -2.47
N PRO A 202 0.05 -1.08 -2.25
CA PRO A 202 -0.49 -1.18 -0.88
C PRO A 202 0.45 -1.93 0.06
N SER A 203 0.30 -1.69 1.37
CA SER A 203 1.26 -2.19 2.33
C SER A 203 1.17 -3.69 2.54
N ASN A 204 0.05 -4.32 2.17
CA ASN A 204 -0.17 -5.73 2.45
C ASN A 204 0.15 -6.63 1.25
N VAL A 205 0.87 -6.13 0.26
CA VAL A 205 1.41 -6.94 -0.83
C VAL A 205 2.85 -7.29 -0.46
N VAL A 206 3.26 -8.52 -0.74
CA VAL A 206 4.67 -8.89 -0.61
C VAL A 206 5.44 -8.33 -1.81
N LYS A 207 6.41 -7.46 -1.55
CA LYS A 207 7.05 -6.65 -2.58
C LYS A 207 8.47 -7.15 -2.82
N VAL A 208 8.83 -7.33 -4.09
CA VAL A 208 10.17 -7.73 -4.49
C VAL A 208 10.74 -6.69 -5.44
N ALA A 209 11.98 -6.25 -5.20
CA ALA A 209 12.67 -5.37 -6.13
C ALA A 209 13.76 -6.14 -6.85
N LYS A 210 13.85 -5.90 -8.16
CA LYS A 210 14.95 -6.41 -8.94
C LYS A 210 16.15 -5.47 -8.80
N LEU A 211 17.34 -6.07 -8.55
CA LEU A 211 18.58 -5.35 -8.33
C LEU A 211 19.70 -6.08 -9.05
N ASP A 212 20.69 -5.30 -9.50
CA ASP A 212 22.02 -5.81 -9.84
C ASP A 212 22.87 -5.84 -8.58
N ILE A 213 23.79 -6.81 -8.51
CA ILE A 213 24.63 -6.90 -7.31
C ILE A 213 25.45 -5.61 -7.08
N SER A 214 25.68 -4.82 -8.12
CA SER A 214 26.38 -3.55 -7.95
C SER A 214 25.54 -2.53 -7.18
N GLU A 215 24.23 -2.77 -7.06
CA GLU A 215 23.30 -1.89 -6.35
C GLU A 215 23.00 -2.38 -4.93
N ARG A 216 23.82 -3.28 -4.39
CA ARG A 216 23.56 -3.89 -3.09
C ARG A 216 23.51 -2.87 -1.97
N ASN A 217 24.09 -1.68 -2.17
CA ASN A 217 24.05 -0.66 -1.13
C ASN A 217 22.68 0.01 -1.01
N GLU A 218 21.78 -0.20 -1.98
CA GLU A 218 20.42 0.31 -1.88
C GLU A 218 19.50 -0.56 -1.04
N ILE A 219 19.97 -1.68 -0.50
CA ILE A 219 19.07 -2.64 0.12
C ILE A 219 18.36 -2.02 1.31
N GLU A 220 19.12 -1.43 2.24
CA GLU A 220 18.52 -0.92 3.46
C GLU A 220 17.45 0.12 3.16
N GLU A 221 17.74 1.09 2.30
CA GLU A 221 16.73 2.10 2.01
C GLU A 221 15.52 1.49 1.31
N LEU A 222 15.73 0.47 0.48
CA LEU A 222 14.60 -0.20 -0.13
C LEU A 222 13.76 -0.93 0.93
N ARG A 223 14.41 -1.56 1.93
CA ARG A 223 13.67 -2.11 3.07
C ARG A 223 12.82 -1.02 3.72
N LYS A 224 13.37 0.18 3.86
CA LYS A 224 12.64 1.29 4.48
C LYS A 224 11.43 1.70 3.65
N LEU A 225 11.53 1.69 2.32
CA LEU A 225 10.37 1.99 1.51
C LEU A 225 9.27 0.92 1.60
N GLY A 226 9.54 -0.24 2.19
CA GLY A 226 8.56 -1.30 2.30
C GLY A 226 8.82 -2.54 1.43
N VAL A 227 10.02 -2.68 0.87
CA VAL A 227 10.37 -3.83 0.05
C VAL A 227 10.66 -5.03 0.95
N ASN A 228 10.02 -6.17 0.67
CA ASN A 228 10.17 -7.36 1.51
C ASN A 228 11.28 -8.30 1.05
N ALA A 229 11.59 -8.37 -0.25
CA ALA A 229 12.66 -9.26 -0.71
C ALA A 229 13.34 -8.65 -1.93
N PHE A 230 14.44 -9.26 -2.35
CA PHE A 230 15.25 -8.73 -3.45
C PHE A 230 15.63 -9.83 -4.42
N LEU A 231 15.30 -9.63 -5.69
CA LEU A 231 15.68 -10.54 -6.76
C LEU A 231 16.97 -9.97 -7.33
N ILE A 232 18.10 -10.55 -6.96
CA ILE A 232 19.41 -9.96 -7.21
C ILE A 232 20.13 -10.79 -8.27
N SER A 233 20.41 -10.15 -9.39
CA SER A 233 21.30 -10.66 -10.41
C SER A 233 22.75 -10.38 -10.03
N SER A 234 23.64 -11.35 -10.27
CA SER A 234 25.04 -11.19 -9.91
C SER A 234 25.93 -10.94 -11.12
N SER A 235 25.36 -10.50 -12.25
CA SER A 235 26.12 -9.90 -13.32
C SER A 235 27.05 -10.91 -13.98
N LEU A 236 28.36 -10.63 -14.01
CA LEU A 236 29.31 -11.55 -14.65
C LEU A 236 30.04 -12.45 -13.66
N MET A 237 29.82 -12.27 -12.36
CA MET A 237 30.60 -13.00 -11.37
C MET A 237 30.34 -14.50 -11.46
N ARG A 238 31.39 -15.29 -11.23
CA ARG A 238 31.33 -16.74 -11.39
C ARG A 238 31.60 -17.50 -10.10
N ASN A 239 32.09 -16.85 -9.06
CA ASN A 239 32.41 -17.53 -7.83
C ASN A 239 31.27 -17.34 -6.83
N PRO A 240 30.52 -18.38 -6.51
CA PRO A 240 29.39 -18.19 -5.58
C PRO A 240 29.80 -17.72 -4.20
N GLU A 241 31.01 -18.07 -3.73
CA GLU A 241 31.44 -17.54 -2.43
C GLU A 241 31.70 -16.04 -2.52
N LYS A 242 32.36 -15.59 -3.58
CA LYS A 242 32.57 -14.16 -3.78
C LYS A 242 31.25 -13.41 -3.85
N ILE A 243 30.25 -13.98 -4.53
CA ILE A 243 28.94 -13.35 -4.64
C ILE A 243 28.32 -13.18 -3.26
N LYS A 244 28.23 -14.30 -2.51
CA LYS A 244 27.72 -14.22 -1.14
C LYS A 244 28.53 -13.26 -0.29
N GLU A 245 29.87 -13.31 -0.38
CA GLU A 245 30.67 -12.47 0.50
C GLU A 245 30.54 -11.00 0.15
N LEU A 246 30.33 -10.68 -1.13
CA LEU A 246 30.09 -9.31 -1.54
C LEU A 246 28.77 -8.78 -0.98
N ILE A 247 27.76 -9.64 -0.90
CA ILE A 247 26.48 -9.22 -0.33
C ILE A 247 26.54 -9.22 1.19
N GLU A 248 27.08 -10.28 1.78
CA GLU A 248 27.34 -10.32 3.22
C GLU A 248 27.95 -9.02 3.71
N GLY A 249 28.98 -8.54 2.99
CA GLY A 249 29.68 -7.34 3.43
C GLY A 249 28.84 -6.08 3.40
N SER A 250 27.98 -5.94 2.39
CA SER A 250 27.28 -4.66 2.20
C SER A 250 26.15 -4.43 3.18
N HIS A 251 25.81 -5.39 4.03
CA HIS A 251 24.67 -5.22 4.94
C HIS A 251 24.98 -4.40 6.20
N PRO B 2 -17.97 24.12 -5.95
CA PRO B 2 -18.09 22.69 -5.60
C PRO B 2 -18.95 21.92 -6.59
N ARG B 3 -19.23 20.65 -6.30
CA ARG B 3 -20.20 19.90 -7.08
C ARG B 3 -21.62 20.44 -6.84
N TYR B 4 -22.54 20.08 -7.74
CA TYR B 4 -23.95 20.43 -7.62
C TYR B 4 -24.69 19.19 -7.14
N LEU B 5 -25.03 19.18 -5.86
CA LEU B 5 -25.56 18.02 -5.16
C LEU B 5 -27.06 18.18 -4.91
N LYS B 6 -27.62 17.28 -4.11
CA LYS B 6 -29.03 17.29 -3.76
C LYS B 6 -29.18 17.28 -2.24
N GLY B 7 -30.33 17.77 -1.78
CA GLY B 7 -30.73 17.59 -0.39
C GLY B 7 -29.91 18.40 0.60
N TRP B 8 -29.73 17.82 1.80
CA TRP B 8 -29.07 18.54 2.89
C TRP B 8 -27.60 18.81 2.56
N LEU B 9 -26.96 17.91 1.81
CA LEU B 9 -25.57 18.10 1.40
C LEU B 9 -25.43 19.34 0.52
N GLU B 10 -26.38 19.54 -0.40
CA GLU B 10 -26.39 20.76 -1.21
C GLU B 10 -26.65 21.98 -0.34
N ASP B 11 -27.50 21.83 0.67
CA ASP B 11 -27.76 22.95 1.56
C ASP B 11 -26.52 23.31 2.39
N VAL B 12 -25.84 22.30 2.95
CA VAL B 12 -24.67 22.61 3.75
C VAL B 12 -23.54 23.13 2.87
N VAL B 13 -23.50 22.71 1.60
CA VAL B 13 -22.51 23.26 0.67
C VAL B 13 -22.83 24.71 0.37
N GLN B 14 -24.09 25.01 0.03
CA GLN B 14 -24.49 26.40 -0.18
C GLN B 14 -24.15 27.27 1.04
N LEU B 15 -24.42 26.76 2.25
CA LEU B 15 -24.17 27.54 3.46
C LEU B 15 -22.68 27.75 3.68
N SER B 16 -21.88 26.69 3.50
CA SER B 16 -20.45 26.78 3.75
C SER B 16 -19.78 27.76 2.80
N LEU B 17 -20.29 27.88 1.58
CA LEU B 17 -19.72 28.85 0.66
C LEU B 17 -19.84 30.27 1.19
N ARG B 18 -20.78 30.52 2.11
CA ARG B 18 -20.98 31.85 2.69
C ARG B 18 -20.33 32.02 4.06
N ARG B 19 -19.53 31.03 4.52
CA ARG B 19 -19.00 31.04 5.88
C ARG B 19 -18.12 32.26 6.08
N PRO B 20 -18.52 33.20 6.94
CA PRO B 20 -17.68 34.39 7.16
C PRO B 20 -16.35 34.01 7.80
N SER B 21 -15.27 34.61 7.31
CA SER B 21 -13.99 34.31 7.91
C SER B 21 -13.84 35.11 9.21
N VAL B 22 -12.93 34.63 10.07
CA VAL B 22 -12.76 35.16 11.42
C VAL B 22 -11.46 35.97 11.50
N HIS B 23 -11.48 37.00 12.33
CA HIS B 23 -10.26 37.63 12.83
C HIS B 23 -9.80 36.82 14.03
N ALA B 24 -8.62 36.25 13.94
CA ALA B 24 -8.06 35.46 15.04
C ALA B 24 -6.61 35.18 14.69
N SER B 25 -5.82 34.88 15.73
CA SER B 25 -4.42 34.54 15.57
C SER B 25 -4.09 33.38 16.49
N ARG B 26 -3.16 32.54 16.06
CA ARG B 26 -2.93 31.25 16.73
C ARG B 26 -1.91 31.37 17.85
N GLN B 27 -2.04 30.47 18.83
CA GLN B 27 -1.24 30.45 20.05
C GLN B 27 0.04 29.62 19.97
N ARG B 28 0.11 28.64 19.07
CA ARG B 28 1.26 27.75 19.03
C ARG B 28 1.49 27.32 17.58
N PRO B 29 2.68 26.81 17.27
CA PRO B 29 2.94 26.33 15.90
C PRO B 29 2.22 25.03 15.61
N ILE B 30 2.18 24.69 14.32
CA ILE B 30 1.43 23.52 13.87
C ILE B 30 2.07 22.26 14.41
N ILE B 31 1.24 21.35 14.93
CA ILE B 31 1.66 20.01 15.28
C ILE B 31 1.08 19.08 14.23
N SER B 32 1.96 18.45 13.45
CA SER B 32 1.56 17.57 12.36
C SER B 32 0.79 16.34 12.85
N LEU B 33 -0.49 16.24 12.49
CA LEU B 33 -1.26 15.07 12.88
C LEU B 33 -0.75 13.81 12.19
N ASN B 34 -0.52 13.89 10.88
CA ASN B 34 -0.13 12.69 10.12
C ASN B 34 1.23 12.15 10.57
N GLU B 35 2.18 13.04 10.89
CA GLU B 35 3.49 12.57 11.34
C GLU B 35 3.40 11.98 12.74
N ARG B 36 2.55 12.55 13.59
CA ARG B 36 2.36 11.98 14.92
C ARG B 36 1.76 10.58 14.84
N ILE B 37 0.82 10.37 13.90
CA ILE B 37 0.33 9.02 13.67
C ILE B 37 1.50 8.09 13.33
N LEU B 38 2.38 8.52 12.43
CA LEU B 38 3.53 7.71 12.05
C LEU B 38 4.43 7.39 13.24
N GLU B 39 4.64 8.37 14.12
CA GLU B 39 5.44 8.15 15.31
C GLU B 39 4.73 7.24 16.30
N PHE B 40 3.39 7.30 16.37
CA PHE B 40 2.64 6.33 17.17
C PHE B 40 2.81 4.93 16.62
N ASN B 41 2.80 4.77 15.29
CA ASN B 41 3.00 3.45 14.70
C ASN B 41 4.35 2.88 15.13
N LYS B 42 5.43 3.68 14.97
CA LYS B 42 6.78 3.25 15.36
C LYS B 42 6.81 2.75 16.80
N ARG B 43 6.21 3.50 17.71
CA ARG B 43 6.22 3.17 19.13
C ARG B 43 5.16 2.14 19.49
N ASN B 44 4.49 1.58 18.47
CA ASN B 44 3.47 0.55 18.67
C ASN B 44 2.39 1.01 19.65
N ILE B 45 1.96 2.26 19.52
CA ILE B 45 0.81 2.78 20.26
C ILE B 45 -0.34 2.97 19.27
N THR B 46 -1.48 2.34 19.56
CA THR B 46 -2.63 2.49 18.69
C THR B 46 -3.01 3.97 18.56
N ALA B 47 -3.13 4.44 17.33
CA ALA B 47 -3.32 5.86 17.03
C ALA B 47 -4.79 6.13 16.76
N ILE B 48 -5.45 6.81 17.69
CA ILE B 48 -6.89 7.05 17.60
C ILE B 48 -7.14 8.54 17.60
N ILE B 49 -7.81 9.04 16.57
CA ILE B 49 -8.31 10.42 16.56
C ILE B 49 -9.65 10.45 17.28
N ALA B 50 -9.72 11.20 18.37
CA ALA B 50 -10.96 11.27 19.16
C ALA B 50 -11.96 12.18 18.46
N TYR B 51 -13.09 11.62 18.06
CA TYR B 51 -14.08 12.29 17.24
C TYR B 51 -15.15 12.87 18.16
N TYR B 52 -15.00 14.13 18.53
CA TYR B 52 -15.91 14.78 19.46
C TYR B 52 -17.14 15.31 18.73
N THR B 53 -18.30 15.10 19.34
CA THR B 53 -19.59 15.61 18.86
C THR B 53 -20.30 16.38 19.98
N ASP B 65 -19.01 20.13 28.75
CA ASP B 65 -18.51 21.01 27.69
C ASP B 65 -17.36 20.35 26.91
N PRO B 66 -17.02 20.88 25.73
CA PRO B 66 -15.96 20.24 24.93
C PRO B 66 -14.56 20.45 25.48
N ILE B 67 -14.31 21.45 26.32
CA ILE B 67 -12.96 21.64 26.84
C ILE B 67 -12.58 20.50 27.77
N GLU B 68 -13.54 20.01 28.57
CA GLU B 68 -13.29 18.94 29.53
C GLU B 68 -12.91 17.64 28.80
N TYR B 69 -13.67 17.30 27.76
CA TYR B 69 -13.35 16.13 26.94
C TYR B 69 -11.96 16.27 26.34
N ALA B 70 -11.67 17.42 25.72
CA ALA B 70 -10.37 17.63 25.11
C ALA B 70 -9.25 17.48 26.12
N LYS B 71 -9.43 18.03 27.33
CA LYS B 71 -8.44 17.88 28.39
C LYS B 71 -8.20 16.40 28.71
N TYR B 72 -9.28 15.64 28.90
CA TYR B 72 -9.12 14.22 29.21
C TYR B 72 -8.45 13.47 28.08
N MET B 73 -8.98 13.59 26.86
CA MET B 73 -8.46 12.83 25.72
C MET B 73 -7.03 13.18 25.34
N GLU B 74 -6.48 14.30 25.85
CA GLU B 74 -5.16 14.77 25.44
C GLU B 74 -4.06 13.75 25.77
N ARG B 75 -4.18 13.07 26.90
CA ARG B 75 -3.13 12.11 27.28
C ARG B 75 -3.20 10.81 26.50
N TYR B 76 -4.28 10.54 25.78
CA TYR B 76 -4.46 9.24 25.15
C TYR B 76 -4.56 9.30 23.63
N ALA B 77 -5.21 10.32 23.07
CA ALA B 77 -5.51 10.32 21.65
C ALA B 77 -4.32 10.80 20.84
N VAL B 78 -4.24 10.32 19.60
CA VAL B 78 -3.21 10.81 18.71
C VAL B 78 -3.56 12.22 18.24
N GLY B 79 -4.86 12.56 18.23
CA GLY B 79 -5.34 13.87 17.81
C GLY B 79 -6.82 14.00 18.12
N LEU B 80 -7.32 15.23 17.97
CA LEU B 80 -8.72 15.53 18.25
C LEU B 80 -9.41 16.03 16.99
N SER B 81 -10.64 15.57 16.78
CA SER B 81 -11.45 16.01 15.65
C SER B 81 -12.57 16.89 16.20
N ILE B 82 -12.61 18.14 15.75
CA ILE B 82 -13.53 19.15 16.25
C ILE B 82 -14.44 19.59 15.12
N LYS B 83 -15.75 19.41 15.32
CA LYS B 83 -16.74 19.87 14.36
C LYS B 83 -16.95 21.38 14.44
N THR B 84 -16.83 22.07 13.30
CA THR B 84 -17.10 23.51 13.25
C THR B 84 -18.30 23.87 12.38
N GLU B 85 -18.93 22.93 11.70
CA GLU B 85 -20.11 23.23 10.89
C GLU B 85 -21.29 23.53 11.80
N GLU B 86 -21.99 24.63 11.52
CA GLU B 86 -22.92 25.20 12.49
C GLU B 86 -24.37 24.71 12.37
N LYS B 87 -24.86 24.42 11.16
CA LYS B 87 -26.29 24.16 11.03
C LYS B 87 -26.69 22.72 11.32
N TYR B 88 -25.88 21.75 10.89
CA TYR B 88 -26.21 20.35 11.00
C TYR B 88 -25.36 19.59 12.01
N PHE B 89 -24.35 20.22 12.60
CA PHE B 89 -23.50 19.50 13.53
C PHE B 89 -23.20 20.31 14.80
N ASN B 90 -23.87 21.43 15.01
CA ASN B 90 -23.84 22.17 16.29
C ASN B 90 -22.45 22.65 16.66
N GLY B 91 -21.60 22.94 15.67
CA GLY B 91 -20.23 23.36 15.92
C GLY B 91 -20.09 24.88 15.89
N SER B 92 -18.88 25.33 16.23
CA SER B 92 -18.58 26.76 16.20
C SER B 92 -17.08 26.97 16.04
N TYR B 93 -16.73 28.14 15.53
CA TYR B 93 -15.33 28.53 15.45
C TYR B 93 -14.73 28.81 16.84
N GLU B 94 -15.50 29.47 17.72
CA GLU B 94 -15.01 29.77 19.07
C GLU B 94 -14.71 28.50 19.86
N MET B 95 -15.60 27.51 19.78
CA MET B 95 -15.33 26.20 20.40
C MET B 95 -13.98 25.65 19.95
N LEU B 96 -13.73 25.64 18.65
CA LEU B 96 -12.45 25.16 18.15
C LEU B 96 -11.30 25.98 18.73
N ARG B 97 -11.39 27.31 18.65
CA ARG B 97 -10.28 28.15 19.10
C ARG B 97 -9.95 27.87 20.56
N LYS B 98 -10.96 27.74 21.42
CA LYS B 98 -10.72 27.48 22.84
C LYS B 98 -10.06 26.12 23.03
N ILE B 99 -10.59 25.08 22.38
CA ILE B 99 -9.96 23.78 22.46
C ILE B 99 -8.52 23.84 21.98
N ALA B 100 -8.29 24.46 20.84
CA ALA B 100 -6.95 24.42 20.25
C ALA B 100 -5.92 25.11 21.12
N SER B 101 -6.31 26.14 21.88
CA SER B 101 -5.31 26.89 22.62
C SER B 101 -4.95 26.22 23.94
N SER B 102 -5.85 25.41 24.50
CA SER B 102 -5.65 24.75 25.79
C SER B 102 -5.28 23.27 25.66
N VAL B 103 -4.96 22.80 24.47
CA VAL B 103 -4.50 21.43 24.26
C VAL B 103 -3.28 21.50 23.34
N SER B 104 -2.38 20.53 23.49
CA SER B 104 -1.14 20.51 22.72
C SER B 104 -0.96 19.22 21.94
N ILE B 105 -2.07 18.59 21.56
CA ILE B 105 -2.00 17.53 20.57
C ILE B 105 -2.66 18.05 19.30
N PRO B 106 -2.40 17.46 18.13
CA PRO B 106 -2.98 17.99 16.88
C PRO B 106 -4.49 18.03 16.91
N ILE B 107 -5.04 19.15 16.44
CA ILE B 107 -6.48 19.35 16.28
C ILE B 107 -6.83 19.27 14.80
N LEU B 108 -7.78 18.40 14.44
CA LEU B 108 -8.32 18.33 13.09
C LEU B 108 -9.60 19.14 13.03
N MET B 109 -9.65 20.14 12.14
CA MET B 109 -10.90 20.87 11.91
C MET B 109 -11.78 20.09 10.95
N ASN B 110 -12.96 19.74 11.43
CA ASN B 110 -13.93 18.92 10.73
C ASN B 110 -15.08 19.81 10.25
N ASP B 111 -15.20 19.97 8.94
CA ASP B 111 -16.19 20.86 8.36
C ASP B 111 -16.39 20.47 6.91
N PHE B 112 -17.19 21.28 6.21
CA PHE B 112 -17.40 21.13 4.77
C PHE B 112 -16.63 22.27 4.12
N ILE B 113 -15.38 22.01 3.78
CA ILE B 113 -14.46 23.05 3.31
C ILE B 113 -14.62 23.22 1.80
N VAL B 114 -15.13 24.36 1.37
CA VAL B 114 -15.36 24.59 -0.05
C VAL B 114 -14.62 25.82 -0.61
N LYS B 115 -13.96 26.62 0.23
CA LYS B 115 -13.25 27.80 -0.23
C LYS B 115 -12.02 28.02 0.63
N GLU B 116 -11.07 28.81 0.12
CA GLU B 116 -9.79 29.00 0.79
C GLU B 116 -9.89 29.71 2.13
N SER B 117 -10.84 30.64 2.31
CA SER B 117 -10.95 31.37 3.57
C SER B 117 -11.29 30.47 4.75
N GLN B 118 -11.89 29.31 4.51
CA GLN B 118 -12.14 28.35 5.60
C GLN B 118 -10.84 27.74 6.10
N ILE B 119 -9.84 27.58 5.23
CA ILE B 119 -8.53 27.10 5.64
C ILE B 119 -7.79 28.20 6.40
N ASP B 120 -7.96 29.46 5.99
CA ASP B 120 -7.45 30.56 6.80
C ASP B 120 -8.02 30.50 8.22
N ASP B 121 -9.35 30.37 8.33
CA ASP B 121 -10.00 30.26 9.64
C ASP B 121 -9.39 29.14 10.47
N ALA B 122 -9.37 27.92 9.92
CA ALA B 122 -8.79 26.79 10.64
C ALA B 122 -7.41 27.14 11.18
N TYR B 123 -6.55 27.68 10.31
CA TYR B 123 -5.19 28.00 10.71
C TYR B 123 -5.17 29.08 11.79
N ASN B 124 -5.92 30.17 11.58
CA ASN B 124 -5.93 31.26 12.55
C ASN B 124 -6.59 30.85 13.85
N LEU B 125 -7.38 29.78 13.84
CA LEU B 125 -8.07 29.35 15.05
C LEU B 125 -7.26 28.37 15.86
N GLY B 126 -6.13 27.90 15.34
CA GLY B 126 -5.27 26.99 16.06
C GLY B 126 -5.32 25.55 15.60
N ALA B 127 -6.07 25.24 14.54
CA ALA B 127 -6.13 23.88 14.04
C ALA B 127 -4.77 23.45 13.48
N ASP B 128 -4.54 22.13 13.46
CA ASP B 128 -3.33 21.62 12.87
C ASP B 128 -3.53 21.00 11.49
N THR B 129 -4.76 20.66 11.13
CA THR B 129 -5.06 20.28 9.75
C THR B 129 -6.57 20.43 9.54
N VAL B 130 -7.01 20.14 8.32
CA VAL B 130 -8.43 20.25 7.98
C VAL B 130 -8.86 18.99 7.22
N LEU B 131 -10.17 18.71 7.27
CA LEU B 131 -10.79 17.68 6.46
C LEU B 131 -11.15 18.24 5.10
N LEU B 132 -10.83 17.50 4.04
CA LEU B 132 -11.32 17.78 2.70
C LEU B 132 -12.15 16.57 2.25
N ILE B 133 -13.24 16.83 1.55
CA ILE B 133 -14.17 15.80 1.15
C ILE B 133 -14.20 15.76 -0.37
N VAL B 134 -13.70 14.66 -0.95
CA VAL B 134 -13.61 14.58 -2.41
C VAL B 134 -15.00 14.70 -3.03
N ASN B 135 -16.01 14.07 -2.42
CA ASN B 135 -17.31 13.93 -3.07
C ASN B 135 -18.09 15.24 -3.21
N ILE B 136 -17.63 16.35 -2.60
CA ILE B 136 -18.29 17.65 -2.78
C ILE B 136 -17.46 18.62 -3.58
N LEU B 137 -16.27 18.24 -4.04
CA LEU B 137 -15.38 19.15 -4.76
C LEU B 137 -15.14 18.64 -6.16
N THR B 138 -14.82 19.56 -7.07
CA THR B 138 -14.23 19.16 -8.33
C THR B 138 -12.78 18.76 -8.10
N GLU B 139 -12.21 18.05 -9.08
CA GLU B 139 -10.82 17.66 -8.97
C GLU B 139 -9.92 18.88 -8.90
N ARG B 140 -10.16 19.84 -9.79
CA ARG B 140 -9.46 21.12 -9.75
C ARG B 140 -9.51 21.74 -8.36
N GLU B 141 -10.72 21.84 -7.79
CA GLU B 141 -10.88 22.46 -6.46
C GLU B 141 -10.11 21.67 -5.39
N LEU B 142 -10.19 20.34 -5.42
CA LEU B 142 -9.55 19.55 -4.37
C LEU B 142 -8.03 19.75 -4.37
N GLU B 143 -7.41 19.72 -5.55
CA GLU B 143 -5.97 19.97 -5.65
C GLU B 143 -5.64 21.40 -5.22
N SER B 144 -6.51 22.36 -5.53
CA SER B 144 -6.23 23.74 -5.17
C SER B 144 -6.33 23.93 -3.66
N LEU B 145 -7.35 23.34 -3.03
CA LEU B 145 -7.52 23.44 -1.59
C LEU B 145 -6.52 22.56 -0.83
N LEU B 146 -6.14 21.42 -1.40
CA LEU B 146 -5.06 20.62 -0.83
C LEU B 146 -3.76 21.41 -0.81
N GLU B 147 -3.43 22.09 -1.92
CA GLU B 147 -2.19 22.85 -1.96
C GLU B 147 -2.29 24.11 -1.10
N TYR B 148 -3.50 24.68 -0.99
CA TYR B 148 -3.65 25.85 -0.14
C TYR B 148 -3.39 25.51 1.32
N ALA B 149 -3.91 24.37 1.79
CA ALA B 149 -3.63 23.97 3.16
C ALA B 149 -2.15 23.69 3.36
N ARG B 150 -1.51 22.98 2.41
CA ARG B 150 -0.09 22.72 2.53
C ARG B 150 0.72 24.01 2.61
N SER B 151 0.22 25.11 2.02
CA SER B 151 0.94 26.37 2.08
C SER B 151 1.05 26.88 3.51
N TYR B 152 0.13 26.45 4.38
CA TYR B 152 0.17 26.72 5.81
C TYR B 152 0.91 25.64 6.57
N GLY B 153 1.40 24.61 5.89
CA GLY B 153 2.00 23.48 6.58
C GLY B 153 1.01 22.48 7.10
N MET B 154 -0.17 22.38 6.47
CA MET B 154 -1.25 21.47 6.88
C MET B 154 -1.45 20.43 5.77
N GLU B 155 -1.11 19.19 6.06
CA GLU B 155 -1.47 18.09 5.19
C GLU B 155 -2.91 17.71 5.53
N PRO B 156 -3.89 18.12 4.72
CA PRO B 156 -5.29 17.85 5.08
C PRO B 156 -5.58 16.36 5.04
N LEU B 157 -6.58 15.96 5.83
CA LEU B 157 -7.11 14.61 5.78
C LEU B 157 -8.20 14.58 4.72
N ILE B 158 -8.04 13.71 3.72
CA ILE B 158 -8.92 13.70 2.57
C ILE B 158 -9.88 12.53 2.71
N LEU B 159 -11.18 12.82 2.74
CA LEU B 159 -12.21 11.82 2.94
C LEU B 159 -12.58 11.19 1.59
N ILE B 160 -12.42 9.88 1.48
CA ILE B 160 -12.83 9.14 0.31
C ILE B 160 -14.01 8.24 0.68
N ASN B 161 -14.94 8.10 -0.26
CA ASN B 161 -16.17 7.37 -0.05
C ASN B 161 -16.37 6.24 -1.04
N ASP B 162 -15.66 6.26 -2.17
CA ASP B 162 -15.77 5.20 -3.14
C ASP B 162 -14.53 5.21 -4.03
N GLU B 163 -14.52 4.29 -4.99
CA GLU B 163 -13.39 4.13 -5.90
C GLU B 163 -13.06 5.40 -6.65
N ASN B 164 -14.07 6.08 -7.20
CA ASN B 164 -13.83 7.32 -7.95
C ASN B 164 -13.20 8.38 -7.05
N ASP B 165 -13.66 8.49 -5.80
CA ASP B 165 -13.01 9.38 -4.85
C ASP B 165 -11.53 9.07 -4.73
N LEU B 166 -11.19 7.77 -4.62
CA LEU B 166 -9.80 7.38 -4.44
C LEU B 166 -8.95 7.66 -5.68
N ASP B 167 -9.48 7.40 -6.87
CA ASP B 167 -8.77 7.74 -8.10
C ASP B 167 -8.37 9.21 -8.11
N ILE B 168 -9.33 10.08 -7.78
CA ILE B 168 -9.06 11.50 -7.75
C ILE B 168 -8.04 11.82 -6.66
N ALA B 169 -8.20 11.21 -5.48
CA ALA B 169 -7.34 11.52 -4.35
C ALA B 169 -5.89 11.20 -4.64
N LEU B 170 -5.64 10.04 -5.26
CA LEU B 170 -4.28 9.64 -5.63
C LEU B 170 -3.76 10.42 -6.84
N ARG B 171 -4.63 10.82 -7.77
CA ARG B 171 -4.18 11.59 -8.93
C ARG B 171 -3.63 12.95 -8.52
N ILE B 172 -4.25 13.59 -7.52
CA ILE B 172 -3.78 14.90 -7.10
C ILE B 172 -2.72 14.81 -6.01
N GLY B 173 -2.32 13.60 -5.61
CA GLY B 173 -1.19 13.44 -4.71
C GLY B 173 -1.50 13.51 -3.24
N ALA B 174 -2.70 13.12 -2.81
CA ALA B 174 -3.02 13.15 -1.40
C ALA B 174 -2.13 12.20 -0.61
N ARG B 175 -1.63 12.68 0.53
CA ARG B 175 -0.81 11.88 1.43
C ARG B 175 -1.53 11.45 2.70
N PHE B 176 -2.72 11.97 2.97
CA PHE B 176 -3.41 11.74 4.24
C PHE B 176 -4.87 11.46 3.89
N ILE B 177 -5.31 10.21 4.07
CA ILE B 177 -6.61 9.77 3.58
C ILE B 177 -7.40 9.13 4.70
N VAL B 178 -8.69 9.46 4.81
CA VAL B 178 -9.58 8.80 5.75
C VAL B 178 -10.65 8.07 4.94
N ILE B 179 -10.87 6.81 5.25
CA ILE B 179 -11.79 5.98 4.47
C ILE B 179 -13.10 5.86 5.24
N PHE B 180 -14.18 6.29 4.59
CA PHE B 180 -15.54 6.20 5.13
C PHE B 180 -16.32 5.05 4.50
N SER B 181 -16.65 5.14 3.21
CA SER B 181 -17.61 4.24 2.53
C SER B 181 -18.98 4.28 3.18
N MET B 182 -19.49 5.50 3.39
CA MET B 182 -20.69 5.74 4.18
C MET B 182 -21.77 6.30 3.26
N ASN B 183 -23.02 6.02 3.61
CA ASN B 183 -24.12 6.68 2.92
C ASN B 183 -24.36 8.03 3.59
N PHE B 184 -24.22 9.11 2.84
CA PHE B 184 -24.40 10.44 3.44
C PHE B 184 -25.85 10.72 3.79
N GLU B 185 -26.78 9.85 3.38
CA GLU B 185 -28.16 9.91 3.84
C GLU B 185 -28.29 9.27 5.22
N THR B 186 -28.21 7.93 5.27
CA THR B 186 -28.34 7.21 6.54
C THR B 186 -27.20 7.54 7.49
N GLY B 187 -25.96 7.33 7.04
CA GLY B 187 -24.79 7.43 7.89
C GLY B 187 -24.15 6.11 8.23
N GLU B 188 -24.52 5.04 7.55
CA GLU B 188 -23.98 3.72 7.82
C GLU B 188 -22.83 3.42 6.87
N ILE B 189 -21.78 2.80 7.40
CA ILE B 189 -20.61 2.40 6.62
C ILE B 189 -20.82 1.00 6.07
N ASN B 190 -20.55 0.82 4.77
CA ASN B 190 -20.42 -0.51 4.17
C ASN B 190 -19.02 -1.02 4.48
N LYS B 191 -18.91 -1.87 5.49
CA LYS B 191 -17.60 -2.35 5.94
C LYS B 191 -16.86 -3.04 4.81
N GLU B 192 -17.58 -3.78 3.95
CA GLU B 192 -16.95 -4.47 2.84
C GLU B 192 -16.29 -3.50 1.87
N ASN B 193 -17.01 -2.45 1.48
CA ASN B 193 -16.39 -1.45 0.60
C ASN B 193 -15.26 -0.70 1.32
N GLN B 194 -15.43 -0.41 2.61
CA GLN B 194 -14.34 0.24 3.35
C GLN B 194 -13.05 -0.58 3.27
N ARG B 195 -13.16 -1.90 3.50
CA ARG B 195 -11.98 -2.77 3.44
C ARG B 195 -11.36 -2.75 2.04
N LYS B 196 -12.20 -2.80 1.01
CA LYS B 196 -11.73 -2.71 -0.38
C LYS B 196 -10.88 -1.47 -0.59
N LEU B 197 -11.44 -0.30 -0.29
CA LEU B 197 -10.74 0.95 -0.55
C LEU B 197 -9.42 0.99 0.21
N ILE B 198 -9.43 0.58 1.48
CA ILE B 198 -8.20 0.58 2.26
C ILE B 198 -7.12 -0.23 1.55
N SER B 199 -7.50 -1.35 0.93
CA SER B 199 -6.53 -2.25 0.31
C SER B 199 -6.04 -1.77 -1.05
N MET B 200 -6.64 -0.74 -1.62
CA MET B 200 -6.14 -0.14 -2.85
C MET B 200 -5.21 1.04 -2.63
N ILE B 201 -4.93 1.41 -1.37
CA ILE B 201 -4.25 2.67 -1.09
C ILE B 201 -2.75 2.46 -0.94
N PRO B 202 -1.92 3.28 -1.60
CA PRO B 202 -0.47 3.15 -1.47
C PRO B 202 0.00 3.13 -0.02
N SER B 203 1.11 2.43 0.22
CA SER B 203 1.63 2.27 1.57
C SER B 203 2.32 3.52 2.09
N ASN B 204 2.76 4.43 1.21
CA ASN B 204 3.29 5.72 1.63
C ASN B 204 2.22 6.78 1.85
N VAL B 205 0.94 6.37 1.90
CA VAL B 205 -0.17 7.23 2.30
C VAL B 205 -0.55 6.87 3.72
N VAL B 206 -0.70 7.87 4.57
CA VAL B 206 -1.15 7.63 5.94
C VAL B 206 -2.68 7.42 5.92
N LYS B 207 -3.12 6.24 6.33
CA LYS B 207 -4.47 5.75 6.13
C LYS B 207 -5.22 5.78 7.45
N VAL B 208 -6.38 6.43 7.46
CA VAL B 208 -7.25 6.53 8.64
C VAL B 208 -8.58 5.85 8.35
N ALA B 209 -8.97 4.93 9.21
CA ALA B 209 -10.26 4.24 9.08
C ALA B 209 -11.28 4.88 10.01
N LYS B 210 -12.43 5.27 9.45
CA LYS B 210 -13.54 5.75 10.25
C LYS B 210 -14.28 4.58 10.90
N LEU B 211 -14.48 4.63 12.22
CA LEU B 211 -15.21 3.61 12.97
C LEU B 211 -16.18 4.25 13.97
N ASP B 212 -17.21 3.51 14.33
CA ASP B 212 -17.96 3.79 15.55
C ASP B 212 -17.40 2.95 16.70
N ILE B 213 -17.59 3.42 17.93
CA ILE B 213 -16.99 2.76 19.08
C ILE B 213 -17.56 1.35 19.29
N SER B 214 -18.74 1.05 18.77
CA SER B 214 -19.26 -0.32 18.90
C SER B 214 -18.45 -1.30 18.05
N GLU B 215 -17.90 -0.85 16.93
CA GLU B 215 -17.01 -1.68 16.14
C GLU B 215 -15.54 -1.57 16.59
N ARG B 216 -15.30 -1.23 17.86
CA ARG B 216 -13.93 -1.04 18.32
C ARG B 216 -13.07 -2.31 18.17
N ASN B 217 -13.68 -3.48 18.14
CA ASN B 217 -12.91 -4.71 18.08
C ASN B 217 -12.35 -5.01 16.68
N GLU B 218 -12.72 -4.23 15.67
CA GLU B 218 -12.13 -4.39 14.35
C GLU B 218 -10.75 -3.76 14.23
N ILE B 219 -10.28 -3.07 15.27
CA ILE B 219 -9.06 -2.28 15.16
C ILE B 219 -7.89 -3.16 14.75
N GLU B 220 -7.75 -4.33 15.38
CA GLU B 220 -6.54 -5.13 15.17
C GLU B 220 -6.48 -5.70 13.76
N GLU B 221 -7.60 -6.19 13.23
CA GLU B 221 -7.55 -6.63 11.84
C GLU B 221 -7.26 -5.46 10.92
N LEU B 222 -7.82 -4.28 11.20
CA LEU B 222 -7.62 -3.13 10.33
C LEU B 222 -6.15 -2.69 10.38
N ARG B 223 -5.50 -2.77 11.54
CA ARG B 223 -4.05 -2.54 11.59
C ARG B 223 -3.33 -3.45 10.62
N LYS B 224 -3.57 -4.76 10.73
CA LYS B 224 -2.92 -5.73 9.84
C LYS B 224 -3.23 -5.46 8.38
N LEU B 225 -4.32 -4.74 8.10
CA LEU B 225 -4.65 -4.38 6.72
C LEU B 225 -3.91 -3.15 6.23
N GLY B 226 -3.07 -2.53 7.04
CA GLY B 226 -2.35 -1.32 6.64
C GLY B 226 -2.85 -0.04 7.29
N VAL B 227 -3.94 -0.08 8.06
CA VAL B 227 -4.47 1.14 8.65
C VAL B 227 -3.50 1.66 9.72
N ASN B 228 -3.15 2.94 9.59
CA ASN B 228 -2.23 3.58 10.52
C ASN B 228 -2.93 4.23 11.71
N ALA B 229 -4.19 4.64 11.56
CA ALA B 229 -4.87 5.34 12.64
C ALA B 229 -6.38 5.20 12.47
N PHE B 230 -7.12 5.60 13.50
CA PHE B 230 -8.56 5.38 13.55
C PHE B 230 -9.27 6.66 13.96
N LEU B 231 -10.34 7.00 13.25
CA LEU B 231 -11.18 8.15 13.56
C LEU B 231 -12.46 7.57 14.15
N ILE B 232 -12.54 7.57 15.48
CA ILE B 232 -13.52 6.78 16.21
C ILE B 232 -14.56 7.70 16.82
N SER B 233 -15.81 7.50 16.40
CA SER B 233 -16.96 8.18 16.93
C SER B 233 -17.49 7.39 18.12
N SER B 234 -17.97 8.10 19.15
CA SER B 234 -18.40 7.46 20.39
C SER B 234 -19.91 7.46 20.57
N SER B 235 -20.66 7.58 19.46
CA SER B 235 -22.11 7.49 19.46
C SER B 235 -22.71 8.47 20.46
N LEU B 236 -23.51 7.98 21.40
CA LEU B 236 -24.17 8.85 22.37
C LEU B 236 -23.42 8.96 23.70
N MET B 237 -22.26 8.34 23.83
CA MET B 237 -21.55 8.41 25.10
C MET B 237 -21.17 9.85 25.43
N ARG B 238 -21.17 10.20 26.73
CA ARG B 238 -20.81 11.52 27.20
C ARG B 238 -19.65 11.53 28.19
N ASN B 239 -19.19 10.36 28.63
CA ASN B 239 -18.19 10.31 29.68
C ASN B 239 -16.83 9.98 29.08
N PRO B 240 -15.90 10.93 29.03
CA PRO B 240 -14.62 10.67 28.34
C PRO B 240 -13.88 9.49 28.92
N GLU B 241 -13.88 9.38 30.25
CA GLU B 241 -13.24 8.24 30.90
C GLU B 241 -13.86 6.93 30.46
N LYS B 242 -15.20 6.87 30.42
CA LYS B 242 -15.87 5.64 29.99
C LYS B 242 -15.61 5.34 28.53
N ILE B 243 -15.61 6.37 27.69
CA ILE B 243 -15.19 6.20 26.30
C ILE B 243 -13.77 5.64 26.26
N LYS B 244 -12.86 6.25 27.02
CA LYS B 244 -11.48 5.81 27.00
C LYS B 244 -11.33 4.41 27.55
N GLU B 245 -12.04 4.08 28.63
CA GLU B 245 -11.88 2.74 29.20
C GLU B 245 -12.45 1.69 28.27
N LEU B 246 -13.48 2.01 27.51
CA LEU B 246 -14.06 1.04 26.58
C LEU B 246 -13.13 0.79 25.41
N ILE B 247 -12.49 1.85 24.91
CA ILE B 247 -11.42 1.69 23.92
C ILE B 247 -10.28 0.84 24.50
N GLU B 248 -9.87 1.16 25.72
CA GLU B 248 -8.72 0.50 26.33
C GLU B 248 -8.92 -1.01 26.43
N GLY B 249 -10.11 -1.42 26.87
CA GLY B 249 -10.34 -2.82 27.16
C GLY B 249 -10.41 -3.71 25.94
N SER B 250 -10.52 -3.14 24.75
CA SER B 250 -10.58 -3.92 23.51
C SER B 250 -9.19 -4.09 22.89
C01 A1LXX C . 13.29 -14.92 -18.41
C02 A1LXX C . 12.11 -14.75 -17.42
C03 A1LXX C . 11.51 -13.36 -17.60
C04 A1LXX C . 12.23 -12.21 -16.92
C05 A1LXX C . 11.98 -10.90 -17.64
C06 A1LXX C . 12.79 -10.74 -18.89
C07 A1LXX C . 13.41 -9.38 -18.99
C08 A1LXX C . 14.73 -9.34 -19.70
C09 A1LXX C . 14.84 -8.10 -20.62
C10 A1LXX C . 16.14 -7.96 -21.36
C11 A1LXX C . 15.99 -8.38 -22.79
C12 A1LXX C . 17.33 -8.66 -23.42
C14 A1LXX C . 18.63 -9.97 -24.84
C15 A1LXX C . 16.48 -10.65 -24.37
C16 A1LXX C . 16.85 -8.73 -25.74
C17 A1LXX C . 17.64 -8.92 -27.03
C18 A1LXX C . 17.06 -9.95 -27.98
C19 A1LXX C . 17.68 -9.85 -29.37
N13 A1LXX C . 17.30 -9.49 -24.59
O20 A1LXX C . 18.60 -10.64 -29.67
O21 A1LXX C . 17.31 -9.01 -30.20
C01 A1LXX D . 22.96 -12.73 -5.50
C02 A1LXX D . 22.94 -13.99 -4.63
C03 A1LXX D . 22.41 -13.69 -3.24
C04 A1LXX D . 22.63 -14.85 -2.28
C05 A1LXX D . 22.23 -14.49 -0.86
C06 A1LXX D . 23.47 -14.14 -0.05
C07 A1LXX D . 23.10 -13.48 1.28
C08 A1LXX D . 24.36 -13.15 2.06
C09 A1LXX D . 24.11 -13.16 3.57
C10 A1LXX D . 25.28 -13.80 4.30
C11 A1LXX D . 24.85 -14.33 5.66
C12 A1LXX D . 25.46 -13.49 6.78
C14 A1LXX D . 24.94 -15.12 8.41
C15 A1LXX D . 25.41 -12.87 9.07
C16 A1LXX D . 23.37 -13.40 7.90
C17 A1LXX D . 23.19 -11.91 7.60
C18 A1LXX D . 22.17 -11.23 8.50
C19 A1LXX D . 21.45 -10.07 7.80
N13 A1LXX D . 24.79 -13.72 8.04
O20 A1LXX D . 21.75 -8.89 8.09
O21 A1LXX D . 20.54 -10.28 6.95
C01 A1LXX E . -17.11 16.74 9.01
C02 A1LXX E . -17.30 15.21 9.15
C03 A1LXX E . -17.58 14.46 7.87
C04 A1LXX E . -18.70 13.48 8.14
C05 A1LXX E . -20.03 14.02 7.71
C06 A1LXX E . -20.66 12.96 6.84
C07 A1LXX E . -22.08 13.25 6.49
C08 A1LXX E . -22.99 12.08 6.59
C09 A1LXX E . -23.81 12.04 7.90
C10 A1LXX E . -25.31 12.01 7.78
C11 A1LXX E . -25.98 13.34 7.92
C12 A1LXX E . -27.48 13.17 7.98
C14 A1LXX E . -28.08 14.60 9.78
C15 A1LXX E . -28.07 15.51 7.68
C16 A1LXX E . -29.61 13.90 8.16
C17 A1LXX E . -30.02 14.05 6.69
C18 A1LXX E . -30.80 12.85 6.20
C19 A1LXX E . -31.22 12.86 4.75
N13 A1LXX E . -28.27 14.30 8.40
O20 A1LXX E . -30.40 12.71 3.82
O21 A1LXX E . -32.42 12.97 4.50
#